data_3MP6
#
_entry.id   3MP6
#
_cell.length_a   50.169
_cell.length_b   85.333
_cell.length_c   119.313
_cell.angle_alpha   90.00
_cell.angle_beta   90.00
_cell.angle_gamma   90.00
#
_symmetry.space_group_name_H-M   'P 21 21 21'
#
loop_
_entity.id
_entity.type
_entity.pdbx_description
1 polymer 'Maltose-binding periplasmic protein,LINKER,SAGA-associated factor 29'
2 polymer 'H3K4me2 peptide'
3 branched alpha-D-glucopyranose-(1-4)-alpha-D-glucopyranose
4 water water
#
loop_
_entity_poly.entity_id
_entity_poly.type
_entity_poly.pdbx_seq_one_letter_code
_entity_poly.pdbx_strand_id
1 'polypeptide(L)'
;MKIEEGKLVIWINGDKGYNGLAEVGKKFEKDTGIKVTVEHPDKLEEKFPQVAATGDGPDIIFWAHDRFGGYAQSGLLAEI
TPDKAFQDKLYPFTWDAVRYNGKLIAYPIAVEALSLIYNKDLLPNPPKTWEEIPALDKELKAKGKSALMFNLQEPYFTWP
LIAADGGYAFKYENGKYDIKDVGVDNAGAKAGLTFLVDLIKNKHMNADTDYSIAEAAFNKGETAMTINGPWAWSNIDTSK
VNYGVTVLPTFKGQPSKPFVGVLSAGINAASPNKELAKEFLENYLLTDEGLEAVNKDKPLGAVALKSYEEELAKDPRIAA
TMENAQKGEIMPNIPQMSAFWYAVRTAVINAASGRQTVDEALAAAQTNAAAEFGSSYWTSEYNPNAPILVGSEVAYKPRR
GSADGEWIQCEVLKVVADGTRFEVRDPEPDELGNSGKVYKCNRKELLLIPPGFPTKNYPPGTKVLARYPETTTFYPAIVI
GTKRDGTCRLRFDGEEEVDKETEVTRRLVLPSPTALANLARK
;
A
2 'polypeptide(L)' ART(MLY) P
#
loop_
_chem_comp.id
_chem_comp.type
_chem_comp.name
_chem_comp.formula
GLC D-saccharide, alpha linking alpha-D-glucopyranose 'C6 H12 O6'
#
# COMPACT_ATOMS: atom_id res chain seq x y z
N MET A 1 8.75 -34.14 0.61
CA MET A 1 7.92 -33.08 -0.04
CA MET A 1 7.93 -33.08 -0.05
C MET A 1 8.02 -31.76 0.71
N LYS A 2 7.68 -30.67 0.04
CA LYS A 2 7.67 -29.34 0.68
C LYS A 2 6.60 -29.29 1.75
N ILE A 3 6.83 -28.51 2.81
CA ILE A 3 5.83 -28.39 3.87
C ILE A 3 4.52 -27.82 3.32
N GLU A 4 4.59 -27.07 2.23
CA GLU A 4 3.40 -26.49 1.66
C GLU A 4 2.50 -27.48 0.92
N GLU A 5 3.02 -28.66 0.59
CA GLU A 5 2.27 -29.59 -0.25
CA GLU A 5 2.31 -29.62 -0.24
C GLU A 5 1.05 -30.17 0.44
N GLY A 6 -0.03 -30.29 -0.32
CA GLY A 6 -1.19 -31.09 0.12
C GLY A 6 -2.32 -30.33 0.73
N LYS A 7 -2.31 -29.01 0.56
CA LYS A 7 -3.31 -28.11 1.16
C LYS A 7 -3.22 -26.81 0.39
N LEU A 8 -4.19 -25.93 0.56
CA LEU A 8 -4.08 -24.57 0.01
C LEU A 8 -3.99 -23.53 1.11
N VAL A 9 -3.09 -22.58 0.93
CA VAL A 9 -3.00 -21.39 1.79
C VAL A 9 -3.17 -20.19 0.87
N ILE A 10 -4.11 -19.33 1.22
CA ILE A 10 -4.51 -18.20 0.41
C ILE A 10 -4.34 -16.92 1.21
N TRP A 11 -3.70 -15.91 0.63
CA TRP A 11 -3.58 -14.59 1.25
C TRP A 11 -4.45 -13.58 0.55
N ILE A 12 -5.18 -12.79 1.33
CA ILE A 12 -6.02 -11.71 0.81
C ILE A 12 -6.00 -10.56 1.83
N ASN A 13 -6.18 -9.34 1.35
CA ASN A 13 -6.08 -8.20 2.26
C ASN A 13 -7.23 -8.15 3.27
N GLY A 14 -6.93 -7.60 4.45
CA GLY A 14 -7.88 -7.54 5.56
C GLY A 14 -9.11 -6.67 5.31
N ASP A 15 -9.07 -5.84 4.28
CA ASP A 15 -10.24 -5.04 3.92
C ASP A 15 -11.19 -5.76 2.95
N LYS A 16 -10.82 -6.97 2.52
CA LYS A 16 -11.65 -7.76 1.61
C LYS A 16 -12.43 -8.84 2.34
N GLY A 17 -13.31 -9.52 1.60
CA GLY A 17 -14.20 -10.51 2.20
C GLY A 17 -13.54 -11.85 2.46
N TYR A 18 -12.57 -11.88 3.36
CA TYR A 18 -11.88 -13.14 3.69
C TYR A 18 -12.79 -14.21 4.32
N ASN A 19 -13.81 -13.79 5.07
CA ASN A 19 -14.74 -14.76 5.62
C ASN A 19 -15.61 -15.38 4.53
N GLY A 20 -16.06 -14.56 3.57
CA GLY A 20 -16.76 -15.09 2.41
C GLY A 20 -15.88 -16.02 1.59
N LEU A 21 -14.61 -15.66 1.43
CA LEU A 21 -13.69 -16.50 0.67
C LEU A 21 -13.51 -17.85 1.36
N ALA A 22 -13.48 -17.85 2.69
CA ALA A 22 -13.41 -19.10 3.44
C ALA A 22 -14.66 -19.97 3.26
N GLU A 23 -15.82 -19.36 3.03
CA GLU A 23 -17.02 -20.14 2.68
C GLU A 23 -16.83 -20.86 1.34
N VAL A 24 -16.20 -20.19 0.39
CA VAL A 24 -15.84 -20.83 -0.87
C VAL A 24 -14.85 -21.96 -0.60
N GLY A 25 -13.87 -21.67 0.25
CA GLY A 25 -12.94 -22.69 0.75
C GLY A 25 -13.65 -23.94 1.27
N LYS A 26 -14.69 -23.76 2.09
CA LYS A 26 -15.38 -24.90 2.66
C LYS A 26 -16.05 -25.75 1.59
N LYS A 27 -16.62 -25.13 0.56
CA LYS A 27 -17.20 -25.88 -0.54
CA LYS A 27 -17.21 -25.87 -0.54
C LYS A 27 -16.15 -26.74 -1.24
N PHE A 28 -14.98 -26.15 -1.47
CA PHE A 28 -13.87 -26.86 -2.07
C PHE A 28 -13.42 -28.01 -1.18
N GLU A 29 -13.32 -27.75 0.13
CA GLU A 29 -12.90 -28.76 1.08
C GLU A 29 -13.85 -29.96 1.09
N LYS A 30 -15.15 -29.69 1.03
CA LYS A 30 -16.15 -30.74 1.04
CA LYS A 30 -16.15 -30.76 1.04
C LYS A 30 -15.99 -31.66 -0.17
N ASP A 31 -15.76 -31.06 -1.35
CA ASP A 31 -15.67 -31.85 -2.58
C ASP A 31 -14.33 -32.56 -2.76
N THR A 32 -13.26 -31.96 -2.27
CA THR A 32 -11.91 -32.45 -2.55
C THR A 32 -11.26 -33.23 -1.40
N GLY A 33 -11.70 -32.97 -0.17
CA GLY A 33 -11.02 -33.48 1.01
C GLY A 33 -9.69 -32.80 1.32
N ILE A 34 -9.47 -31.64 0.70
CA ILE A 34 -8.24 -30.89 0.87
C ILE A 34 -8.53 -29.59 1.62
N LYS A 35 -7.72 -29.32 2.64
CA LYS A 35 -7.87 -28.14 3.48
C LYS A 35 -7.48 -26.85 2.77
N VAL A 36 -8.27 -25.80 3.01
CA VAL A 36 -7.99 -24.45 2.52
C VAL A 36 -7.92 -23.53 3.73
N THR A 37 -6.83 -22.77 3.83
CA THR A 37 -6.67 -21.78 4.91
C THR A 37 -6.53 -20.40 4.29
N VAL A 38 -7.46 -19.51 4.63
CA VAL A 38 -7.41 -18.11 4.19
C VAL A 38 -6.77 -17.28 5.29
N GLU A 39 -5.76 -16.49 4.91
CA GLU A 39 -5.08 -15.60 5.85
C GLU A 39 -5.08 -14.19 5.33
N HIS A 40 -5.03 -13.23 6.24
CA HIS A 40 -4.97 -11.81 5.87
C HIS A 40 -3.88 -11.08 6.65
N PRO A 41 -2.61 -11.45 6.43
CA PRO A 41 -1.55 -10.81 7.20
C PRO A 41 -1.43 -9.34 6.86
N ASP A 42 -0.91 -8.56 7.80
CA ASP A 42 -0.63 -7.15 7.52
CA ASP A 42 -0.63 -7.16 7.53
C ASP A 42 0.50 -7.04 6.52
N LYS A 43 0.46 -5.99 5.71
CA LYS A 43 1.51 -5.72 4.70
C LYS A 43 1.80 -6.93 3.82
N LEU A 44 0.75 -7.65 3.44
CA LEU A 44 0.95 -8.89 2.69
C LEU A 44 1.64 -8.66 1.33
N GLU A 45 1.41 -7.48 0.74
CA GLU A 45 1.99 -7.13 -0.55
C GLU A 45 3.52 -6.96 -0.46
N GLU A 46 4.00 -6.66 0.74
CA GLU A 46 5.43 -6.57 1.03
CA GLU A 46 5.43 -6.58 1.03
C GLU A 46 5.98 -7.93 1.50
N LYS A 47 5.19 -8.64 2.28
CA LYS A 47 5.61 -9.94 2.81
C LYS A 47 5.69 -11.01 1.71
N PHE A 48 4.77 -10.98 0.75
CA PHE A 48 4.72 -12.04 -0.26
C PHE A 48 6.06 -12.26 -1.01
N PRO A 49 6.69 -11.20 -1.53
CA PRO A 49 7.93 -11.46 -2.27
C PRO A 49 9.03 -12.10 -1.43
N GLN A 50 9.10 -11.72 -0.14
CA GLN A 50 10.14 -12.23 0.74
C GLN A 50 9.99 -13.73 0.91
N VAL A 51 8.77 -14.19 1.18
CA VAL A 51 8.55 -15.62 1.39
C VAL A 51 8.49 -16.40 0.08
N ALA A 52 7.89 -15.83 -0.96
CA ALA A 52 7.85 -16.54 -2.24
C ALA A 52 9.22 -16.70 -2.87
N ALA A 53 10.13 -15.75 -2.60
CA ALA A 53 11.48 -15.86 -3.16
C ALA A 53 12.24 -17.08 -2.64
N THR A 54 11.88 -17.55 -1.44
CA THR A 54 12.52 -18.76 -0.89
C THR A 54 11.78 -20.04 -1.26
N GLY A 55 10.76 -19.95 -2.11
CA GLY A 55 9.98 -21.13 -2.49
C GLY A 55 8.85 -21.43 -1.50
N ASP A 56 8.64 -20.52 -0.56
CA ASP A 56 7.58 -20.66 0.44
C ASP A 56 6.44 -19.69 0.18
N GLY A 57 5.63 -19.40 1.19
CA GLY A 57 4.50 -18.50 0.99
C GLY A 57 3.22 -19.18 0.57
N PRO A 58 2.16 -18.37 0.44
CA PRO A 58 0.84 -18.91 0.14
C PRO A 58 0.80 -19.46 -1.27
N ASP A 59 -0.07 -20.42 -1.52
CA ASP A 59 -0.27 -20.93 -2.88
C ASP A 59 -0.93 -19.90 -3.81
N ILE A 60 -1.83 -19.11 -3.23
CA ILE A 60 -2.59 -18.10 -3.97
C ILE A 60 -2.47 -16.78 -3.24
N ILE A 61 -2.16 -15.73 -3.98
CA ILE A 61 -2.12 -14.38 -3.43
C ILE A 61 -3.12 -13.48 -4.14
N PHE A 62 -3.92 -12.78 -3.36
CA PHE A 62 -4.86 -11.78 -3.88
C PHE A 62 -4.33 -10.38 -3.63
N TRP A 63 -4.36 -9.56 -4.68
CA TRP A 63 -4.07 -8.12 -4.57
C TRP A 63 -4.58 -7.45 -5.84
N ALA A 64 -4.68 -6.13 -5.83
CA ALA A 64 -4.90 -5.45 -7.10
C ALA A 64 -3.76 -5.76 -8.07
N HIS A 65 -4.09 -5.71 -9.35
CA HIS A 65 -3.18 -6.15 -10.40
C HIS A 65 -1.87 -5.34 -10.48
N ASP A 66 -1.83 -4.16 -9.89
CA ASP A 66 -0.65 -3.29 -10.07
C ASP A 66 0.63 -3.92 -9.57
N ARG A 67 0.55 -4.74 -8.52
CA ARG A 67 1.77 -5.34 -7.96
C ARG A 67 2.20 -6.62 -8.64
N PHE A 68 1.36 -7.16 -9.51
CA PHE A 68 1.62 -8.47 -10.07
C PHE A 68 2.67 -8.49 -11.18
N GLY A 69 2.87 -7.39 -11.90
CA GLY A 69 3.95 -7.38 -12.90
C GLY A 69 5.31 -7.53 -12.22
N GLY A 70 5.49 -6.86 -11.09
CA GLY A 70 6.72 -7.01 -10.31
C GLY A 70 6.93 -8.43 -9.82
N TYR A 71 5.87 -9.04 -9.28
CA TYR A 71 5.97 -10.43 -8.83
C TYR A 71 6.31 -11.35 -10.00
N ALA A 72 5.67 -11.13 -11.15
CA ALA A 72 5.88 -11.99 -12.30
C ALA A 72 7.32 -11.83 -12.82
N GLN A 73 7.77 -10.59 -12.95
CA GLN A 73 9.12 -10.28 -13.39
C GLN A 73 10.14 -10.99 -12.51
N SER A 74 9.88 -10.98 -11.20
CA SER A 74 10.75 -11.63 -10.23
C SER A 74 10.68 -13.15 -10.21
N GLY A 75 9.83 -13.73 -11.06
CA GLY A 75 9.71 -15.19 -11.13
C GLY A 75 8.86 -15.81 -10.05
N LEU A 76 8.01 -15.00 -9.41
CA LEU A 76 7.24 -15.47 -8.26
C LEU A 76 5.84 -15.97 -8.60
N LEU A 77 5.41 -15.78 -9.85
CA LEU A 77 4.07 -16.20 -10.26
C LEU A 77 4.10 -17.20 -11.40
N ALA A 78 3.29 -18.24 -11.26
CA ALA A 78 3.11 -19.23 -12.32
C ALA A 78 2.25 -18.64 -13.44
N GLU A 79 2.55 -19.02 -14.67
CA GLU A 79 1.67 -18.70 -15.77
C GLU A 79 0.40 -19.53 -15.58
N ILE A 80 -0.76 -18.90 -15.66
CA ILE A 80 -2.00 -19.66 -15.46
C ILE A 80 -2.45 -20.28 -16.77
N THR A 81 -3.27 -21.32 -16.68
CA THR A 81 -3.62 -22.12 -17.87
C THR A 81 -5.13 -22.23 -18.16
N PRO A 82 -5.89 -21.12 -18.06
CA PRO A 82 -7.32 -21.26 -18.37
C PRO A 82 -7.53 -21.58 -19.85
N ASP A 83 -8.45 -22.49 -20.13
CA ASP A 83 -8.77 -22.75 -21.53
C ASP A 83 -9.66 -21.69 -22.13
N LYS A 84 -9.93 -21.79 -23.42
CA LYS A 84 -10.70 -20.76 -24.11
C LYS A 84 -12.13 -20.63 -23.59
N ALA A 85 -12.72 -21.77 -23.21
CA ALA A 85 -14.06 -21.77 -22.62
C ALA A 85 -14.05 -21.00 -21.30
N PHE A 86 -13.01 -21.18 -20.49
CA PHE A 86 -12.93 -20.42 -19.25
C PHE A 86 -12.67 -18.95 -19.53
N GLN A 87 -11.76 -18.66 -20.45
CA GLN A 87 -11.46 -17.27 -20.75
C GLN A 87 -12.70 -16.51 -21.18
N ASP A 88 -13.59 -17.18 -21.91
CA ASP A 88 -14.81 -16.56 -22.39
C ASP A 88 -15.70 -16.05 -21.24
N LYS A 89 -15.55 -16.63 -20.06
CA LYS A 89 -16.40 -16.28 -18.91
C LYS A 89 -16.13 -14.91 -18.29
N LEU A 90 -14.95 -14.36 -18.56
CA LEU A 90 -14.53 -13.08 -17.95
C LEU A 90 -14.34 -12.00 -19.00
N TYR A 91 -14.56 -10.74 -18.60
CA TYR A 91 -14.42 -9.64 -19.56
C TYR A 91 -12.98 -9.56 -20.07
N PRO A 92 -12.81 -9.35 -21.39
CA PRO A 92 -11.44 -9.20 -21.91
C PRO A 92 -10.61 -8.11 -21.24
N PHE A 93 -11.23 -6.98 -20.89
CA PHE A 93 -10.54 -5.90 -20.16
C PHE A 93 -9.85 -6.43 -18.90
N THR A 94 -10.53 -7.34 -18.20
CA THR A 94 -9.99 -7.86 -16.95
C THR A 94 -8.82 -8.81 -17.19
N TRP A 95 -8.90 -9.65 -18.23
CA TRP A 95 -7.73 -10.44 -18.60
C TRP A 95 -6.54 -9.57 -18.95
N ASP A 96 -6.79 -8.44 -19.60
CA ASP A 96 -5.68 -7.57 -20.02
C ASP A 96 -4.90 -7.04 -18.80
N ALA A 97 -5.61 -6.82 -17.70
CA ALA A 97 -4.97 -6.27 -16.49
C ALA A 97 -4.01 -7.25 -15.84
N VAL A 98 -4.18 -8.54 -16.14
CA VAL A 98 -3.36 -9.61 -15.55
C VAL A 98 -2.39 -10.23 -16.55
N ARG A 99 -2.09 -9.49 -17.63
CA ARG A 99 -1.06 -9.92 -18.57
CA ARG A 99 -1.07 -9.92 -18.58
C ARG A 99 0.26 -9.24 -18.28
N TYR A 100 1.34 -10.01 -18.37
CA TYR A 100 2.68 -9.47 -18.22
C TYR A 100 3.57 -10.15 -19.24
N ASN A 101 4.27 -9.36 -20.05
CA ASN A 101 5.11 -9.90 -21.13
C ASN A 101 4.32 -10.89 -21.99
N GLY A 102 3.04 -10.58 -22.20
CA GLY A 102 2.18 -11.38 -23.08
C GLY A 102 1.60 -12.65 -22.47
N LYS A 103 1.93 -12.92 -21.20
CA LYS A 103 1.49 -14.13 -20.50
C LYS A 103 0.45 -13.76 -19.44
N LEU A 104 -0.57 -14.60 -19.27
CA LEU A 104 -1.48 -14.43 -18.13
C LEU A 104 -0.82 -14.88 -16.85
N ILE A 105 -0.74 -13.97 -15.87
CA ILE A 105 -0.04 -14.26 -14.62
C ILE A 105 -0.92 -14.24 -13.38
N ALA A 106 -2.23 -14.13 -13.57
CA ALA A 106 -3.20 -14.18 -12.48
C ALA A 106 -4.60 -14.30 -13.05
N TYR A 107 -5.54 -14.65 -12.19
CA TYR A 107 -6.96 -14.62 -12.54
C TYR A 107 -7.55 -13.29 -12.06
N PRO A 108 -8.20 -12.55 -12.95
CA PRO A 108 -8.87 -11.33 -12.51
C PRO A 108 -10.19 -11.66 -11.81
N ILE A 109 -10.50 -10.88 -10.79
CA ILE A 109 -11.68 -11.12 -9.95
C ILE A 109 -12.71 -9.99 -10.07
N ALA A 110 -12.28 -8.74 -9.92
CA ALA A 110 -13.22 -7.61 -9.91
C ALA A 110 -12.54 -6.30 -10.14
N VAL A 111 -13.29 -5.38 -10.74
CA VAL A 111 -12.83 -4.02 -10.99
C VAL A 111 -13.19 -3.09 -9.83
N GLU A 112 -12.17 -2.39 -9.32
CA GLU A 112 -12.31 -1.46 -8.20
C GLU A 112 -12.00 -0.04 -8.65
N ALA A 113 -12.81 0.92 -8.18
CA ALA A 113 -12.45 2.33 -8.24
C ALA A 113 -13.06 2.99 -7.03
N LEU A 114 -12.39 4.05 -6.57
CA LEU A 114 -12.94 4.90 -5.50
C LEU A 114 -14.13 5.71 -5.97
N SER A 115 -15.08 5.91 -5.06
CA SER A 115 -16.16 6.87 -5.26
C SER A 115 -16.29 7.80 -4.08
N LEU A 116 -17.08 8.85 -4.27
CA LEU A 116 -17.50 9.68 -3.15
C LEU A 116 -18.68 9.03 -2.46
N ILE A 117 -18.55 8.82 -1.15
CA ILE A 117 -19.61 8.23 -0.33
C ILE A 117 -20.09 9.33 0.60
N TYR A 118 -21.41 9.52 0.66
CA TYR A 118 -21.94 10.65 1.42
C TYR A 118 -23.14 10.26 2.24
N ASN A 119 -23.32 10.97 3.35
CA ASN A 119 -24.42 10.76 4.28
C ASN A 119 -25.62 11.56 3.77
N LYS A 120 -26.66 10.86 3.29
CA LYS A 120 -27.83 11.51 2.69
C LYS A 120 -28.66 12.35 3.66
N ASP A 121 -28.60 12.00 4.94
CA ASP A 121 -29.32 12.75 5.97
C ASP A 121 -28.61 14.06 6.30
N LEU A 122 -27.29 14.01 6.44
CA LEU A 122 -26.51 15.21 6.65
C LEU A 122 -26.35 16.03 5.39
N LEU A 123 -26.42 15.38 4.23
CA LEU A 123 -26.00 16.00 2.98
C LEU A 123 -26.78 15.40 1.82
N PRO A 124 -28.04 15.81 1.64
CA PRO A 124 -28.84 15.21 0.56
C PRO A 124 -28.33 15.58 -0.82
N ASN A 125 -27.66 16.72 -0.95
CA ASN A 125 -27.10 17.13 -2.24
C ASN A 125 -25.61 17.37 -2.09
N PRO A 126 -24.79 16.35 -2.35
CA PRO A 126 -23.35 16.47 -2.13
C PRO A 126 -22.68 17.42 -3.13
N PRO A 127 -21.50 17.96 -2.77
CA PRO A 127 -20.84 18.89 -3.67
C PRO A 127 -20.37 18.23 -4.95
N LYS A 128 -20.46 18.96 -6.06
CA LYS A 128 -19.91 18.50 -7.32
C LYS A 128 -18.43 18.81 -7.48
N THR A 129 -17.92 19.73 -6.66
CA THR A 129 -16.52 20.17 -6.80
C THR A 129 -15.74 20.08 -5.50
N TRP A 130 -14.43 19.86 -5.63
CA TRP A 130 -13.53 19.92 -4.49
C TRP A 130 -13.58 21.33 -3.89
N GLU A 131 -13.70 22.33 -4.75
CA GLU A 131 -13.67 23.71 -4.33
C GLU A 131 -14.80 24.07 -3.38
N GLU A 132 -15.89 23.31 -3.43
CA GLU A 132 -17.03 23.50 -2.55
C GLU A 132 -16.85 22.96 -1.13
N ILE A 133 -15.81 22.16 -0.94
CA ILE A 133 -15.65 21.47 0.33
C ILE A 133 -15.36 22.41 1.52
N PRO A 134 -14.48 23.43 1.34
CA PRO A 134 -14.24 24.34 2.46
C PRO A 134 -15.51 25.00 3.02
N ALA A 135 -16.37 25.53 2.15
CA ALA A 135 -17.59 26.19 2.62
C ALA A 135 -18.53 25.19 3.28
N LEU A 136 -18.61 23.99 2.73
CA LEU A 136 -19.44 22.95 3.31
C LEU A 136 -18.95 22.58 4.73
N ASP A 137 -17.63 22.48 4.88
CA ASP A 137 -17.08 22.19 6.19
C ASP A 137 -17.37 23.30 7.20
N LYS A 138 -17.30 24.55 6.77
CA LYS A 138 -17.64 25.68 7.64
C LYS A 138 -19.09 25.57 8.13
N GLU A 139 -20.00 25.21 7.22
CA GLU A 139 -21.42 25.03 7.52
CA GLU A 139 -21.42 25.04 7.54
C GLU A 139 -21.61 23.90 8.54
N LEU A 140 -20.98 22.76 8.27
CA LEU A 140 -21.15 21.56 9.10
C LEU A 140 -20.50 21.66 10.46
N LYS A 141 -19.38 22.37 10.55
CA LYS A 141 -18.70 22.56 11.83
C LYS A 141 -19.60 23.25 12.86
N ALA A 142 -20.50 24.12 12.39
CA ALA A 142 -21.46 24.78 13.29
C ALA A 142 -22.37 23.78 14.00
N LYS A 143 -22.59 22.62 13.40
CA LYS A 143 -23.32 21.58 14.12
C LYS A 143 -22.46 20.41 14.59
N GLY A 144 -21.17 20.69 14.76
CA GLY A 144 -20.25 19.71 15.32
C GLY A 144 -19.95 18.56 14.37
N LYS A 145 -20.11 18.80 13.08
CA LYS A 145 -19.78 17.81 12.06
C LYS A 145 -18.66 18.33 11.16
N SER A 146 -18.14 17.47 10.30
CA SER A 146 -17.16 17.88 9.31
C SER A 146 -17.63 17.42 7.93
N ALA A 147 -17.11 18.05 6.89
CA ALA A 147 -17.47 17.70 5.51
C ALA A 147 -16.92 16.36 5.03
N LEU A 148 -15.63 16.11 5.26
CA LEU A 148 -14.95 15.02 4.57
C LEU A 148 -13.82 14.43 5.39
N MET A 149 -13.80 13.10 5.49
CA MET A 149 -12.64 12.39 6.04
C MET A 149 -12.35 11.17 5.19
N PHE A 150 -11.08 11.03 4.82
CA PHE A 150 -10.62 9.85 4.10
C PHE A 150 -9.16 9.54 4.45
N ASN A 151 -8.72 8.34 4.10
CA ASN A 151 -7.37 7.87 4.44
C ASN A 151 -6.29 8.73 3.78
N LEU A 152 -5.52 9.45 4.60
CA LEU A 152 -4.40 10.26 4.12
C LEU A 152 -3.03 9.59 4.24
N GLN A 153 -3.01 8.32 4.64
CA GLN A 153 -1.75 7.59 4.83
C GLN A 153 -1.43 6.68 3.65
N GLU A 154 -2.41 6.48 2.79
CA GLU A 154 -2.22 5.69 1.56
C GLU A 154 -2.50 6.55 0.34
N PRO A 155 -1.51 6.70 -0.54
CA PRO A 155 -1.62 7.66 -1.63
C PRO A 155 -2.72 7.31 -2.64
N TYR A 156 -3.12 6.05 -2.67
CA TYR A 156 -4.27 5.61 -3.45
C TYR A 156 -5.48 6.55 -3.32
N PHE A 157 -5.75 7.04 -2.11
CA PHE A 157 -6.96 7.81 -1.85
C PHE A 157 -6.86 9.26 -2.26
N THR A 158 -5.63 9.76 -2.34
CA THR A 158 -5.35 11.14 -2.76
C THR A 158 -5.07 11.23 -4.25
N TRP A 159 -4.69 10.11 -4.86
CA TRP A 159 -4.40 10.07 -6.28
C TRP A 159 -5.50 10.66 -7.19
N PRO A 160 -6.79 10.41 -6.89
CA PRO A 160 -7.79 10.98 -7.83
C PRO A 160 -7.70 12.51 -7.97
N LEU A 161 -7.40 13.17 -6.86
CA LEU A 161 -7.22 14.62 -6.85
C LEU A 161 -5.89 15.07 -7.49
N ILE A 162 -4.80 14.35 -7.21
CA ILE A 162 -3.50 14.63 -7.84
C ILE A 162 -3.57 14.52 -9.37
N ALA A 163 -4.30 13.50 -9.84
CA ALA A 163 -4.41 13.25 -11.28
C ALA A 163 -5.39 14.19 -11.99
N ALA A 164 -6.36 14.74 -11.25
CA ALA A 164 -7.46 15.51 -11.87
C ALA A 164 -7.01 16.58 -12.87
N ASP A 165 -6.09 17.43 -12.45
CA ASP A 165 -5.60 18.54 -13.27
C ASP A 165 -4.31 18.21 -14.03
N GLY A 166 -3.89 16.95 -14.03
CA GLY A 166 -2.80 16.56 -14.92
C GLY A 166 -1.70 15.65 -14.37
N GLY A 167 -1.74 15.34 -13.08
CA GLY A 167 -0.78 14.38 -12.55
C GLY A 167 -0.93 13.02 -13.18
N TYR A 168 0.19 12.31 -13.34
CA TYR A 168 0.16 10.94 -13.84
C TYR A 168 1.32 10.17 -13.24
N ALA A 169 1.25 8.84 -13.31
CA ALA A 169 2.31 7.99 -12.78
C ALA A 169 3.41 7.86 -13.83
N PHE A 170 3.18 6.99 -14.79
CA PHE A 170 4.11 6.77 -15.90
C PHE A 170 3.38 7.06 -17.19
N LYS A 171 4.06 7.76 -18.10
CA LYS A 171 3.48 8.08 -19.38
C LYS A 171 3.43 6.83 -20.26
N TYR A 172 2.28 6.61 -20.87
CA TYR A 172 2.10 5.50 -21.80
C TYR A 172 2.37 5.96 -23.24
N GLU A 173 3.49 5.51 -23.82
CA GLU A 173 3.84 5.87 -25.20
C GLU A 173 4.26 4.61 -25.96
N ASN A 174 3.78 4.48 -27.20
CA ASN A 174 4.15 3.36 -28.08
C ASN A 174 3.92 1.98 -27.46
N GLY A 175 2.74 1.81 -26.86
CA GLY A 175 2.35 0.53 -26.27
C GLY A 175 3.01 0.15 -24.94
N LYS A 176 3.72 1.08 -24.31
CA LYS A 176 4.42 0.79 -23.06
C LYS A 176 4.57 2.00 -22.14
N TYR A 177 4.77 1.73 -20.86
CA TYR A 177 5.02 2.79 -19.89
C TYR A 177 6.48 3.17 -19.87
N ASP A 178 6.72 4.47 -19.94
CA ASP A 178 8.06 5.02 -19.95
C ASP A 178 8.43 5.35 -18.50
N ILE A 179 9.34 4.55 -17.93
CA ILE A 179 9.74 4.70 -16.54
C ILE A 179 10.59 5.96 -16.29
N LYS A 180 11.02 6.59 -17.39
CA LYS A 180 11.78 7.84 -17.30
C LYS A 180 10.87 9.06 -17.42
N ASP A 181 9.58 8.83 -17.70
CA ASP A 181 8.60 9.91 -17.79
C ASP A 181 7.57 9.76 -16.67
N VAL A 182 7.90 10.33 -15.52
CA VAL A 182 7.03 10.33 -14.33
C VAL A 182 6.30 11.67 -14.25
N GLY A 183 5.02 11.64 -13.89
CA GLY A 183 4.19 12.87 -13.89
C GLY A 183 3.69 13.33 -12.53
N VAL A 184 4.47 13.05 -11.48
CA VAL A 184 4.02 13.37 -10.12
C VAL A 184 4.43 14.78 -9.67
N ASP A 185 5.15 15.49 -10.54
CA ASP A 185 5.73 16.79 -10.19
C ASP A 185 5.43 17.86 -11.24
N ASN A 186 4.38 17.64 -12.03
CA ASN A 186 3.94 18.64 -13.00
C ASN A 186 2.95 19.61 -12.36
N ALA A 187 2.52 20.60 -13.12
CA ALA A 187 1.63 21.63 -12.60
C ALA A 187 0.33 21.04 -12.05
N GLY A 188 -0.21 20.04 -12.73
CA GLY A 188 -1.45 19.40 -12.32
C GLY A 188 -1.35 18.69 -10.98
N ALA A 189 -0.29 17.90 -10.83
CA ALA A 189 -0.04 17.21 -9.58
C ALA A 189 0.17 18.18 -8.43
N LYS A 190 0.97 19.24 -8.68
CA LYS A 190 1.21 20.28 -7.69
C LYS A 190 -0.10 20.97 -7.25
N ALA A 191 -0.94 21.30 -8.23
CA ALA A 191 -2.22 21.96 -7.93
C ALA A 191 -3.12 21.09 -7.04
N GLY A 192 -3.22 19.81 -7.38
CA GLY A 192 -4.04 18.88 -6.58
C GLY A 192 -3.53 18.69 -5.16
N LEU A 193 -2.23 18.44 -5.01
CA LEU A 193 -1.65 18.25 -3.69
C LEU A 193 -1.74 19.54 -2.86
N THR A 194 -1.57 20.67 -3.53
CA THR A 194 -1.71 21.97 -2.88
C THR A 194 -3.12 22.13 -2.31
N PHE A 195 -4.12 21.70 -3.07
CA PHE A 195 -5.48 21.82 -2.58
C PHE A 195 -5.70 20.97 -1.34
N LEU A 196 -5.15 19.76 -1.34
CA LEU A 196 -5.20 18.88 -0.17
C LEU A 196 -4.52 19.51 1.06
N VAL A 197 -3.31 20.02 0.85
CA VAL A 197 -2.55 20.65 1.94
C VAL A 197 -3.31 21.85 2.50
N ASP A 198 -3.91 22.64 1.62
CA ASP A 198 -4.71 23.77 2.05
C ASP A 198 -5.93 23.34 2.86
N LEU A 199 -6.58 22.23 2.49
CA LEU A 199 -7.68 21.72 3.29
C LEU A 199 -7.24 21.47 4.73
N ILE A 200 -6.04 20.89 4.85
CA ILE A 200 -5.49 20.58 6.16
C ILE A 200 -5.07 21.84 6.93
N LYS A 201 -4.36 22.76 6.26
CA LYS A 201 -3.95 24.04 6.87
C LYS A 201 -5.15 24.79 7.43
N ASN A 202 -6.26 24.70 6.72
CA ASN A 202 -7.49 25.41 7.08
C ASN A 202 -8.41 24.58 7.97
N LYS A 203 -7.90 23.47 8.47
CA LYS A 203 -8.57 22.65 9.50
C LYS A 203 -9.84 21.96 9.01
N HIS A 204 -9.90 21.70 7.70
CA HIS A 204 -11.00 20.92 7.15
C HIS A 204 -10.69 19.43 7.13
N MET A 205 -9.40 19.10 7.25
CA MET A 205 -8.94 17.73 7.43
C MET A 205 -7.73 17.71 8.34
N ASN A 206 -7.44 16.53 8.88
CA ASN A 206 -6.34 16.27 9.78
C ASN A 206 -5.34 15.35 9.07
N ALA A 207 -4.08 15.76 9.03
CA ALA A 207 -3.02 15.02 8.34
C ALA A 207 -2.86 13.59 8.85
N ASP A 208 -3.25 13.36 10.11
CA ASP A 208 -3.13 12.04 10.75
C ASP A 208 -4.25 11.05 10.39
N THR A 209 -5.30 11.51 9.71
CA THR A 209 -6.41 10.62 9.41
C THR A 209 -5.97 9.42 8.56
N ASP A 210 -6.36 8.23 9.02
CA ASP A 210 -6.03 6.99 8.32
C ASP A 210 -7.30 6.25 7.96
N TYR A 211 -7.16 5.01 7.47
CA TYR A 211 -8.33 4.26 7.03
C TYR A 211 -9.35 4.07 8.16
N SER A 212 -8.87 3.62 9.32
CA SER A 212 -9.75 3.31 10.45
CA SER A 212 -9.72 3.32 10.48
C SER A 212 -10.46 4.55 10.99
N ILE A 213 -9.74 5.65 11.12
CA ILE A 213 -10.32 6.89 11.65
C ILE A 213 -11.41 7.43 10.73
N ALA A 214 -11.14 7.45 9.42
CA ALA A 214 -12.10 7.98 8.47
C ALA A 214 -13.34 7.09 8.41
N GLU A 215 -13.14 5.78 8.44
CA GLU A 215 -14.24 4.84 8.40
C GLU A 215 -15.14 5.00 9.64
N ALA A 216 -14.50 5.07 10.81
CA ALA A 216 -15.26 5.21 12.06
C ALA A 216 -16.06 6.50 12.06
N ALA A 217 -15.44 7.60 11.65
CA ALA A 217 -16.11 8.90 11.62
C ALA A 217 -17.31 8.91 10.68
N PHE A 218 -17.14 8.37 9.47
CA PHE A 218 -18.25 8.30 8.56
C PHE A 218 -19.37 7.41 9.08
N ASN A 219 -18.99 6.22 9.57
CA ASN A 219 -19.98 5.22 9.94
C ASN A 219 -20.71 5.59 11.23
N LYS A 220 -20.13 6.52 12.00
CA LYS A 220 -20.78 7.04 13.21
C LYS A 220 -21.52 8.37 12.97
N GLY A 221 -21.50 8.84 11.73
CA GLY A 221 -22.27 10.04 11.34
C GLY A 221 -21.63 11.35 11.75
N GLU A 222 -20.32 11.33 11.97
CA GLU A 222 -19.55 12.49 12.40
C GLU A 222 -19.06 13.34 11.23
N THR A 223 -18.82 12.70 10.09
CA THR A 223 -18.40 13.40 8.87
C THR A 223 -19.39 13.09 7.76
N ALA A 224 -19.64 14.06 6.87
CA ALA A 224 -20.72 13.93 5.89
C ALA A 224 -20.30 13.14 4.65
N MET A 225 -18.98 12.99 4.46
CA MET A 225 -18.46 12.33 3.27
C MET A 225 -17.18 11.57 3.56
N THR A 226 -16.95 10.56 2.75
CA THR A 226 -15.69 9.82 2.76
C THR A 226 -15.37 9.41 1.33
N ILE A 227 -14.14 8.94 1.12
CA ILE A 227 -13.74 8.44 -0.19
C ILE A 227 -13.28 7.03 0.04
N ASN A 228 -13.94 6.09 -0.63
CA ASN A 228 -13.63 4.67 -0.40
C ASN A 228 -14.13 3.83 -1.55
N GLY A 229 -13.80 2.54 -1.49
CA GLY A 229 -14.15 1.59 -2.54
C GLY A 229 -15.26 0.64 -2.12
N PRO A 230 -15.65 -0.26 -3.03
CA PRO A 230 -16.79 -1.15 -2.78
C PRO A 230 -16.66 -2.00 -1.51
N TRP A 231 -15.44 -2.41 -1.18
CA TRP A 231 -15.19 -3.24 0.00
C TRP A 231 -15.70 -2.59 1.29
N ALA A 232 -15.83 -1.26 1.30
CA ALA A 232 -16.23 -0.52 2.50
C ALA A 232 -17.74 -0.50 2.73
N TRP A 233 -18.52 -0.87 1.72
CA TRP A 233 -19.98 -0.65 1.81
C TRP A 233 -20.64 -1.48 2.90
N SER A 234 -20.13 -2.69 3.13
CA SER A 234 -20.71 -3.61 4.13
CA SER A 234 -20.72 -3.60 4.11
C SER A 234 -20.77 -3.02 5.51
N ASN A 235 -19.66 -2.38 5.93
CA ASN A 235 -19.59 -1.74 7.23
C ASN A 235 -20.53 -0.57 7.34
N ILE A 236 -20.73 0.14 6.23
CA ILE A 236 -21.69 1.24 6.22
C ILE A 236 -23.12 0.70 6.33
N ASP A 237 -23.44 -0.38 5.62
CA ASP A 237 -24.76 -1.02 5.72
C ASP A 237 -25.10 -1.35 7.18
N THR A 238 -24.12 -1.92 7.88
CA THR A 238 -24.28 -2.29 9.30
C THR A 238 -24.44 -1.08 10.22
N SER A 239 -23.88 0.06 9.84
N SER A 239 -23.84 0.04 9.85
CA SER A 239 -24.04 1.30 10.59
CA SER A 239 -23.87 1.27 10.64
C SER A 239 -25.44 1.87 10.42
C SER A 239 -25.24 1.93 10.56
N LYS A 240 -25.73 2.95 11.14
N LYS A 240 -25.96 1.66 9.53
CA LYS A 240 -27.05 3.58 11.05
CA LYS A 240 -27.31 2.15 9.29
C LYS A 240 -27.08 4.69 10.01
C LYS A 240 -27.30 3.57 8.73
N VAL A 241 -26.03 4.79 9.21
N VAL A 241 -26.14 4.15 8.52
CA VAL A 241 -25.94 5.84 8.20
CA VAL A 241 -26.07 5.46 7.91
C VAL A 241 -26.67 5.50 6.90
C VAL A 241 -26.71 5.39 6.53
N ASN A 242 -27.47 6.45 6.43
N ASN A 242 -27.65 6.29 6.26
CA ASN A 242 -28.14 6.42 5.14
CA ASN A 242 -28.28 6.33 4.96
C ASN A 242 -27.16 7.01 4.14
C ASN A 242 -27.36 7.01 3.97
N TYR A 243 -26.59 6.18 3.27
CA TYR A 243 -25.53 6.65 2.38
C TYR A 243 -25.82 6.50 0.90
N GLY A 244 -25.15 7.37 0.13
CA GLY A 244 -25.14 7.29 -1.33
C GLY A 244 -23.71 7.16 -1.81
N VAL A 245 -23.57 6.65 -3.02
CA VAL A 245 -22.26 6.48 -3.65
C VAL A 245 -22.36 7.21 -4.99
N THR A 246 -21.42 8.11 -5.24
CA THR A 246 -21.58 9.01 -6.36
C THR A 246 -20.24 9.38 -7.00
N VAL A 247 -20.31 10.14 -8.09
CA VAL A 247 -19.12 10.65 -8.76
C VAL A 247 -18.25 11.51 -7.83
N LEU A 248 -16.94 11.32 -7.94
CA LEU A 248 -16.00 12.13 -7.17
C LEU A 248 -16.11 13.60 -7.56
N PRO A 249 -15.79 14.50 -6.61
CA PRO A 249 -15.85 15.91 -6.98
C PRO A 249 -14.84 16.25 -8.08
N THR A 250 -15.15 17.24 -8.90
CA THR A 250 -14.20 17.73 -9.89
C THR A 250 -13.20 18.68 -9.24
N PHE A 251 -12.06 18.87 -9.89
CA PHE A 251 -11.06 19.83 -9.44
C PHE A 251 -10.67 20.65 -10.64
N LYS A 252 -10.71 21.98 -10.49
CA LYS A 252 -10.46 22.92 -11.59
CA LYS A 252 -10.43 22.89 -11.62
C LYS A 252 -11.31 22.54 -12.81
N GLY A 253 -12.54 22.12 -12.53
CA GLY A 253 -13.52 21.77 -13.56
C GLY A 253 -13.30 20.42 -14.25
N GLN A 254 -12.28 19.68 -13.80
CA GLN A 254 -11.95 18.42 -14.43
CA GLN A 254 -11.89 18.42 -14.41
C GLN A 254 -12.30 17.24 -13.52
N PRO A 255 -12.70 16.10 -14.12
CA PRO A 255 -13.03 14.99 -13.21
C PRO A 255 -11.85 14.53 -12.36
N SER A 256 -12.13 14.12 -11.13
CA SER A 256 -11.13 13.35 -10.37
C SER A 256 -10.87 12.05 -11.14
N LYS A 257 -9.64 11.58 -11.10
CA LYS A 257 -9.24 10.46 -11.94
C LYS A 257 -8.67 9.35 -11.07
N PRO A 258 -9.55 8.53 -10.48
CA PRO A 258 -9.04 7.46 -9.62
C PRO A 258 -8.32 6.39 -10.40
N PHE A 259 -7.32 5.78 -9.76
CA PHE A 259 -6.69 4.63 -10.39
C PHE A 259 -7.71 3.48 -10.40
N VAL A 260 -7.71 2.71 -11.46
CA VAL A 260 -8.58 1.54 -11.51
C VAL A 260 -7.73 0.31 -11.20
N GLY A 261 -8.17 -0.43 -10.19
CA GLY A 261 -7.51 -1.69 -9.81
C GLY A 261 -8.36 -2.90 -10.12
N VAL A 262 -7.74 -3.97 -10.58
CA VAL A 262 -8.45 -5.23 -10.77
C VAL A 262 -7.95 -6.17 -9.69
N LEU A 263 -8.81 -6.48 -8.71
CA LEU A 263 -8.46 -7.49 -7.72
C LEU A 263 -8.19 -8.77 -8.48
N SER A 264 -7.04 -9.40 -8.19
CA SER A 264 -6.54 -10.53 -8.96
C SER A 264 -5.97 -11.59 -8.02
N ALA A 265 -5.98 -12.85 -8.49
CA ALA A 265 -5.46 -13.98 -7.72
C ALA A 265 -4.34 -14.65 -8.51
N GLY A 266 -3.13 -14.57 -7.95
CA GLY A 266 -1.97 -15.22 -8.57
C GLY A 266 -1.63 -16.53 -7.89
N ILE A 267 -1.01 -17.42 -8.64
CA ILE A 267 -0.53 -18.69 -8.12
C ILE A 267 0.99 -18.62 -7.96
N ASN A 268 1.46 -18.89 -6.74
CA ASN A 268 2.90 -18.92 -6.43
C ASN A 268 3.66 -19.86 -7.37
N ALA A 269 4.72 -19.35 -8.01
CA ALA A 269 5.50 -20.16 -8.95
C ALA A 269 6.11 -21.39 -8.29
N ALA A 270 6.36 -21.30 -6.98
CA ALA A 270 6.96 -22.42 -6.25
C ALA A 270 5.93 -23.37 -5.66
N SER A 271 4.64 -23.07 -5.80
CA SER A 271 3.62 -23.90 -5.15
C SER A 271 3.65 -25.32 -5.70
N PRO A 272 3.65 -26.33 -4.82
CA PRO A 272 3.50 -27.70 -5.28
C PRO A 272 2.02 -28.06 -5.44
N ASN A 273 1.15 -27.05 -5.37
CA ASN A 273 -0.29 -27.25 -5.40
C ASN A 273 -0.95 -26.46 -6.51
N LYS A 274 -0.26 -26.32 -7.63
CA LYS A 274 -0.78 -25.49 -8.72
C LYS A 274 -2.10 -25.98 -9.33
N GLU A 275 -2.26 -27.29 -9.42
CA GLU A 275 -3.52 -27.86 -9.93
C GLU A 275 -4.67 -27.66 -8.96
N LEU A 276 -4.42 -27.90 -7.67
CA LEU A 276 -5.42 -27.59 -6.65
C LEU A 276 -5.84 -26.10 -6.71
N ALA A 277 -4.85 -25.21 -6.86
CA ALA A 277 -5.12 -23.78 -6.94
C ALA A 277 -5.97 -23.42 -8.15
N LYS A 278 -5.65 -23.99 -9.30
CA LYS A 278 -6.44 -23.80 -10.52
CA LYS A 278 -6.44 -23.80 -10.52
C LYS A 278 -7.87 -24.26 -10.32
N GLU A 279 -8.05 -25.46 -9.73
CA GLU A 279 -9.38 -25.99 -9.48
C GLU A 279 -10.17 -25.05 -8.55
N PHE A 280 -9.53 -24.58 -7.50
CA PHE A 280 -10.21 -23.68 -6.59
C PHE A 280 -10.66 -22.40 -7.31
N LEU A 281 -9.73 -21.79 -8.04
CA LEU A 281 -10.03 -20.49 -8.63
C LEU A 281 -11.04 -20.58 -9.78
N GLU A 282 -10.86 -21.58 -10.64
CA GLU A 282 -11.74 -21.70 -11.80
C GLU A 282 -13.09 -22.33 -11.47
N ASN A 283 -13.07 -23.37 -10.64
CA ASN A 283 -14.27 -24.18 -10.46
C ASN A 283 -15.08 -23.83 -9.21
N TYR A 284 -14.50 -23.04 -8.31
CA TYR A 284 -15.18 -22.66 -7.06
C TYR A 284 -15.33 -21.16 -6.92
N LEU A 285 -14.21 -20.42 -7.00
CA LEU A 285 -14.32 -19.00 -6.79
C LEU A 285 -14.96 -18.26 -7.97
N LEU A 286 -14.45 -18.47 -9.18
CA LEU A 286 -14.96 -17.71 -10.33
C LEU A 286 -16.21 -18.32 -10.95
N THR A 287 -17.24 -18.43 -10.10
CA THR A 287 -18.56 -18.91 -10.44
C THR A 287 -19.54 -17.92 -9.82
N ASP A 288 -20.80 -17.97 -10.24
CA ASP A 288 -21.81 -17.11 -9.64
C ASP A 288 -21.85 -17.30 -8.13
N GLU A 289 -21.86 -18.56 -7.69
CA GLU A 289 -21.99 -18.86 -6.28
C GLU A 289 -20.75 -18.47 -5.48
N GLY A 290 -19.58 -18.64 -6.09
CA GLY A 290 -18.32 -18.32 -5.41
C GLY A 290 -18.16 -16.82 -5.20
N LEU A 291 -18.38 -16.06 -6.26
CA LEU A 291 -18.29 -14.62 -6.13
C LEU A 291 -19.39 -14.03 -5.25
N GLU A 292 -20.58 -14.61 -5.28
CA GLU A 292 -21.66 -14.11 -4.43
C GLU A 292 -21.29 -14.27 -2.95
N ALA A 293 -20.66 -15.39 -2.58
CA ALA A 293 -20.25 -15.62 -1.20
C ALA A 293 -19.23 -14.56 -0.73
N VAL A 294 -18.27 -14.23 -1.58
CA VAL A 294 -17.31 -13.20 -1.19
C VAL A 294 -17.97 -11.82 -1.16
N ASN A 295 -18.74 -11.52 -2.19
CA ASN A 295 -19.39 -10.23 -2.33
C ASN A 295 -20.36 -9.91 -1.19
N LYS A 296 -21.01 -10.96 -0.67
CA LYS A 296 -21.97 -10.82 0.44
C LYS A 296 -21.27 -10.41 1.73
N ASP A 297 -20.02 -10.84 1.87
CA ASP A 297 -19.20 -10.46 2.99
C ASP A 297 -18.73 -9.01 2.84
N LYS A 298 -17.94 -8.72 1.81
CA LYS A 298 -17.53 -7.34 1.48
CA LYS A 298 -17.57 -7.35 1.48
C LYS A 298 -17.64 -7.18 -0.03
N PRO A 299 -18.38 -6.16 -0.52
CA PRO A 299 -18.56 -6.09 -1.97
C PRO A 299 -17.26 -6.01 -2.76
N LEU A 300 -17.22 -6.78 -3.85
CA LEU A 300 -16.04 -6.89 -4.71
C LEU A 300 -15.87 -5.72 -5.67
N GLY A 301 -16.96 -5.01 -5.96
CA GLY A 301 -16.97 -4.06 -7.07
C GLY A 301 -17.62 -4.69 -8.30
N ALA A 302 -17.15 -4.28 -9.47
CA ALA A 302 -17.72 -4.78 -10.73
C ALA A 302 -16.96 -6.06 -11.10
N VAL A 303 -17.60 -7.21 -10.89
CA VAL A 303 -16.87 -8.47 -11.03
C VAL A 303 -16.45 -8.80 -12.47
N ALA A 304 -15.40 -9.60 -12.58
CA ALA A 304 -14.86 -9.98 -13.89
C ALA A 304 -15.71 -11.03 -14.59
N LEU A 305 -16.53 -11.74 -13.82
CA LEU A 305 -17.35 -12.83 -14.33
C LEU A 305 -18.63 -12.24 -14.92
N LYS A 306 -18.77 -12.37 -16.24
CA LYS A 306 -19.89 -11.76 -16.97
C LYS A 306 -21.25 -12.14 -16.41
N SER A 307 -21.42 -13.43 -16.12
CA SER A 307 -22.73 -13.94 -15.70
C SER A 307 -23.21 -13.32 -14.39
N TYR A 308 -22.31 -13.19 -13.42
CA TYR A 308 -22.68 -12.59 -12.16
C TYR A 308 -22.77 -11.08 -12.25
N GLU A 309 -21.93 -10.48 -13.08
CA GLU A 309 -21.96 -9.02 -13.23
C GLU A 309 -23.28 -8.51 -13.79
N GLU A 310 -23.97 -9.32 -14.59
CA GLU A 310 -25.22 -8.86 -15.16
CA GLU A 310 -25.29 -9.00 -15.16
C GLU A 310 -26.20 -8.50 -14.05
N GLU A 311 -26.09 -9.14 -12.91
CA GLU A 311 -26.85 -8.75 -11.72
C GLU A 311 -26.32 -7.48 -11.07
N LEU A 312 -25.03 -7.46 -10.74
CA LEU A 312 -24.47 -6.33 -9.99
C LEU A 312 -24.53 -5.01 -10.76
N ALA A 313 -24.57 -5.11 -12.09
CA ALA A 313 -24.61 -3.94 -12.97
C ALA A 313 -25.74 -2.96 -12.65
N LYS A 314 -26.82 -3.46 -12.09
CA LYS A 314 -27.99 -2.63 -11.79
C LYS A 314 -27.91 -1.90 -10.45
N ASP A 315 -26.93 -2.25 -9.65
CA ASP A 315 -26.72 -1.59 -8.37
C ASP A 315 -26.22 -0.16 -8.61
N PRO A 316 -26.94 0.86 -8.10
CA PRO A 316 -26.49 2.23 -8.33
C PRO A 316 -25.08 2.49 -7.81
N ARG A 317 -24.66 1.76 -6.78
CA ARG A 317 -23.32 1.93 -6.22
C ARG A 317 -22.27 1.41 -7.21
N ILE A 318 -22.64 0.37 -7.96
CA ILE A 318 -21.77 -0.17 -9.01
C ILE A 318 -21.75 0.76 -10.23
N ALA A 319 -22.91 1.31 -10.61
CA ALA A 319 -22.93 2.33 -11.65
C ALA A 319 -21.98 3.49 -11.31
N ALA A 320 -22.02 3.95 -10.06
CA ALA A 320 -21.16 5.04 -9.62
C ALA A 320 -19.69 4.61 -9.67
N THR A 321 -19.42 3.39 -9.23
CA THR A 321 -18.05 2.86 -9.27
C THR A 321 -17.50 2.92 -10.70
N MET A 322 -18.31 2.49 -11.67
CA MET A 322 -17.84 2.44 -13.04
C MET A 322 -17.76 3.80 -13.72
N GLU A 323 -18.61 4.73 -13.30
CA GLU A 323 -18.50 6.10 -13.76
C GLU A 323 -17.16 6.70 -13.34
N ASN A 324 -16.82 6.54 -12.05
CA ASN A 324 -15.52 6.95 -11.56
C ASN A 324 -14.37 6.22 -12.23
N ALA A 325 -14.52 4.90 -12.44
CA ALA A 325 -13.47 4.13 -13.12
C ALA A 325 -13.22 4.68 -14.54
N GLN A 326 -14.30 4.98 -15.26
CA GLN A 326 -14.20 5.48 -16.64
C GLN A 326 -13.47 6.82 -16.71
N LYS A 327 -13.63 7.62 -15.66
CA LYS A 327 -12.99 8.92 -15.58
C LYS A 327 -11.53 8.82 -15.15
N GLY A 328 -11.16 7.66 -14.58
CA GLY A 328 -9.81 7.40 -14.16
C GLY A 328 -9.00 6.67 -15.20
N GLU A 329 -8.00 5.92 -14.71
CA GLU A 329 -7.08 5.18 -15.56
CA GLU A 329 -7.09 5.18 -15.56
C GLU A 329 -6.71 3.88 -14.88
N ILE A 330 -6.51 2.84 -15.69
CA ILE A 330 -6.09 1.55 -15.15
C ILE A 330 -4.66 1.67 -14.63
N MET A 331 -4.39 1.14 -13.44
CA MET A 331 -3.02 1.17 -12.95
C MET A 331 -2.09 0.39 -13.88
N PRO A 332 -0.87 0.89 -14.08
CA PRO A 332 0.15 0.03 -14.71
C PRO A 332 0.44 -1.16 -13.81
N ASN A 333 1.00 -2.22 -14.37
CA ASN A 333 1.46 -3.34 -13.55
C ASN A 333 2.96 -3.54 -13.58
N ILE A 334 3.67 -2.55 -14.13
CA ILE A 334 5.12 -2.67 -14.31
C ILE A 334 5.84 -2.82 -12.99
N PRO A 335 7.04 -3.44 -13.00
CA PRO A 335 7.78 -3.64 -11.74
C PRO A 335 8.07 -2.37 -10.95
N GLN A 336 8.12 -1.24 -11.63
CA GLN A 336 8.41 0.05 -11.02
CA GLN A 336 8.42 0.04 -11.01
C GLN A 336 7.28 0.55 -10.12
N MET A 337 6.13 -0.11 -10.14
CA MET A 337 4.99 0.38 -9.36
C MET A 337 5.27 0.44 -7.86
N SER A 338 6.02 -0.51 -7.31
CA SER A 338 6.30 -0.47 -5.87
C SER A 338 7.12 0.78 -5.50
N ALA A 339 8.08 1.15 -6.34
CA ALA A 339 8.88 2.36 -6.10
C ALA A 339 8.00 3.60 -6.23
N PHE A 340 7.14 3.60 -7.23
CA PHE A 340 6.18 4.69 -7.41
C PHE A 340 5.32 4.88 -6.16
N TRP A 341 4.76 3.80 -5.64
CA TRP A 341 3.87 3.95 -4.49
C TRP A 341 4.59 4.39 -3.22
N TYR A 342 5.79 3.89 -2.97
CA TYR A 342 6.56 4.39 -1.84
C TYR A 342 6.80 5.89 -1.99
N ALA A 343 7.16 6.33 -3.20
CA ALA A 343 7.51 7.73 -3.41
C ALA A 343 6.31 8.65 -3.19
N VAL A 344 5.17 8.28 -3.77
CA VAL A 344 3.97 9.13 -3.65
C VAL A 344 3.42 9.09 -2.23
N ARG A 345 3.47 7.94 -1.59
CA ARG A 345 3.08 7.86 -0.18
C ARG A 345 3.85 8.88 0.66
N THR A 346 5.16 8.87 0.52
CA THR A 346 6.03 9.75 1.28
C THR A 346 5.76 11.23 0.97
N ALA A 347 5.56 11.55 -0.32
CA ALA A 347 5.27 12.92 -0.70
C ALA A 347 3.96 13.42 -0.08
N VAL A 348 2.90 12.61 -0.15
CA VAL A 348 1.61 13.02 0.42
C VAL A 348 1.72 13.20 1.94
N ILE A 349 2.31 12.24 2.63
CA ILE A 349 2.45 12.35 4.09
C ILE A 349 3.29 13.56 4.51
N ASN A 350 4.39 13.80 3.81
CA ASN A 350 5.30 14.88 4.17
C ASN A 350 4.72 16.26 3.89
N ALA A 351 4.00 16.38 2.78
CA ALA A 351 3.31 17.63 2.43
C ALA A 351 2.13 17.88 3.35
N ALA A 352 1.34 16.85 3.63
CA ALA A 352 0.17 16.98 4.52
C ALA A 352 0.57 17.41 5.93
N SER A 353 1.69 16.89 6.42
CA SER A 353 2.14 17.17 7.78
C SER A 353 2.85 18.50 7.88
N GLY A 354 3.25 19.06 6.73
CA GLY A 354 3.96 20.34 6.72
C GLY A 354 5.44 20.20 6.88
N ARG A 355 5.93 18.96 6.93
CA ARG A 355 7.36 18.71 7.05
C ARG A 355 8.12 19.16 5.80
N GLN A 356 7.50 19.01 4.65
CA GLN A 356 8.01 19.53 3.39
C GLN A 356 6.92 20.31 2.66
N THR A 357 7.33 21.23 1.79
CA THR A 357 6.39 21.92 0.93
C THR A 357 5.94 20.96 -0.16
N VAL A 358 4.85 21.31 -0.84
CA VAL A 358 4.39 20.52 -1.98
C VAL A 358 5.49 20.37 -3.03
N ASP A 359 6.16 21.48 -3.38
CA ASP A 359 7.22 21.45 -4.38
C ASP A 359 8.39 20.55 -3.98
N GLU A 360 8.81 20.65 -2.71
CA GLU A 360 9.88 19.81 -2.18
C GLU A 360 9.49 18.32 -2.20
N ALA A 361 8.28 18.03 -1.69
CA ALA A 361 7.81 16.66 -1.60
C ALA A 361 7.66 16.01 -2.97
N LEU A 362 7.06 16.72 -3.93
CA LEU A 362 6.86 16.14 -5.26
C LEU A 362 8.14 16.06 -6.12
N ALA A 363 9.10 16.96 -5.89
CA ALA A 363 10.40 16.85 -6.56
C ALA A 363 11.11 15.56 -6.13
N ALA A 364 11.10 15.28 -4.83
CA ALA A 364 11.71 14.05 -4.32
C ALA A 364 10.98 12.82 -4.86
N ALA A 365 9.65 12.88 -4.90
CA ALA A 365 8.86 11.77 -5.46
C ALA A 365 9.18 11.51 -6.93
N GLN A 366 9.35 12.56 -7.71
CA GLN A 366 9.68 12.43 -9.13
CA GLN A 366 9.66 12.40 -9.12
C GLN A 366 10.98 11.66 -9.29
N THR A 367 11.97 12.00 -8.46
CA THR A 367 13.27 11.35 -8.50
C THR A 367 13.15 9.88 -8.10
N ASN A 368 12.44 9.61 -7.02
CA ASN A 368 12.47 8.27 -6.43
C ASN A 368 11.45 7.29 -7.00
N ALA A 369 10.42 7.80 -7.67
CA ALA A 369 9.42 6.95 -8.27
C ALA A 369 10.04 6.10 -9.38
N ALA A 370 11.14 6.62 -9.92
CA ALA A 370 11.85 6.02 -11.06
C ALA A 370 13.12 5.30 -10.66
N ALA A 371 13.35 5.15 -9.35
CA ALA A 371 14.61 4.60 -8.81
C ALA A 371 14.54 3.13 -8.37
N GLU A 372 15.70 2.48 -8.39
CA GLU A 372 15.86 1.14 -7.85
C GLU A 372 15.98 1.27 -6.34
N PHE A 373 15.37 0.35 -5.61
CA PHE A 373 15.51 0.36 -4.15
C PHE A 373 15.77 -1.04 -3.61
N GLY A 374 16.32 -1.09 -2.40
CA GLY A 374 16.52 -2.32 -1.70
C GLY A 374 15.83 -2.32 -0.37
N SER A 375 16.03 -3.41 0.37
CA SER A 375 15.52 -3.57 1.72
C SER A 375 16.56 -4.27 2.57
N SER A 376 16.54 -3.96 3.86
CA SER A 376 17.41 -4.64 4.79
C SER A 376 16.89 -6.06 4.99
N TYR A 377 17.83 -6.99 5.16
CA TYR A 377 17.48 -8.36 5.53
C TYR A 377 16.70 -8.39 6.83
N TRP A 378 17.03 -7.44 7.71
CA TRP A 378 16.47 -7.37 9.05
C TRP A 378 15.09 -6.75 9.04
N THR A 379 14.10 -7.53 9.47
CA THR A 379 12.74 -7.04 9.56
C THR A 379 12.36 -6.83 11.01
N SER A 380 11.56 -5.79 11.25
CA SER A 380 11.08 -5.47 12.58
C SER A 380 9.64 -4.98 12.48
N GLU A 381 8.86 -5.29 13.50
CA GLU A 381 7.47 -4.80 13.57
C GLU A 381 7.38 -3.31 13.91
N TYR A 382 8.52 -2.70 14.27
CA TYR A 382 8.51 -1.34 14.82
C TYR A 382 9.17 -0.31 13.91
N ASN A 383 10.01 -0.79 12.99
CA ASN A 383 10.77 0.08 12.10
C ASN A 383 10.78 -0.50 10.67
N PRO A 384 10.51 0.35 9.66
CA PRO A 384 10.53 -0.13 8.28
C PRO A 384 11.94 -0.49 7.81
N ASN A 385 12.01 -1.43 6.86
CA ASN A 385 13.29 -1.89 6.33
C ASN A 385 13.45 -1.54 4.85
N ALA A 386 12.49 -0.78 4.32
CA ALA A 386 12.44 -0.41 2.91
C ALA A 386 11.64 0.88 2.79
N PRO A 387 11.86 1.67 1.73
CA PRO A 387 12.87 1.49 0.67
C PRO A 387 14.22 2.07 1.05
N ILE A 388 15.27 1.33 0.73
CA ILE A 388 16.63 1.87 0.80
C ILE A 388 16.98 2.37 -0.59
N LEU A 389 17.14 3.69 -0.69
CA LEU A 389 17.28 4.41 -1.96
C LEU A 389 18.64 5.09 -2.00
N VAL A 390 19.10 5.47 -3.19
CA VAL A 390 20.18 6.46 -3.26
C VAL A 390 19.75 7.67 -2.42
N GLY A 391 20.61 8.08 -1.50
CA GLY A 391 20.33 9.19 -0.60
C GLY A 391 19.76 8.81 0.75
N SER A 392 19.37 7.54 0.89
CA SER A 392 18.97 7.05 2.21
C SER A 392 20.13 7.12 3.19
N GLU A 393 19.79 7.26 4.46
CA GLU A 393 20.77 7.12 5.53
C GLU A 393 20.56 5.73 6.12
N VAL A 394 21.67 5.04 6.40
CA VAL A 394 21.63 3.67 6.95
C VAL A 394 22.65 3.52 8.06
N ALA A 395 22.48 2.49 8.90
CA ALA A 395 23.57 2.03 9.75
C ALA A 395 24.21 0.84 9.03
N TYR A 396 25.53 0.86 8.97
CA TYR A 396 26.28 -0.17 8.25
C TYR A 396 27.23 -0.86 9.22
N LYS A 397 27.34 -2.18 9.11
CA LYS A 397 28.21 -2.98 9.98
C LYS A 397 29.58 -3.21 9.32
N PRO A 398 30.63 -2.55 9.83
CA PRO A 398 31.97 -2.78 9.28
C PRO A 398 32.41 -4.24 9.43
N ARG A 399 33.20 -4.72 8.47
CA ARG A 399 33.62 -6.13 8.45
C ARG A 399 34.75 -6.43 9.43
N GLY A 405 30.41 -4.26 18.57
CA GLY A 405 29.07 -4.41 18.02
C GLY A 405 28.54 -3.09 17.47
N GLU A 406 29.49 -2.25 17.05
CA GLU A 406 29.18 -0.91 16.54
CA GLU A 406 29.17 -0.92 16.54
C GLU A 406 28.76 -0.95 15.08
N TRP A 407 27.80 -0.11 14.72
CA TRP A 407 27.41 0.10 13.33
C TRP A 407 27.62 1.58 13.07
N ILE A 408 27.93 1.95 11.84
CA ILE A 408 28.25 3.35 11.54
C ILE A 408 27.23 3.96 10.59
N GLN A 409 26.92 5.24 10.81
CA GLN A 409 26.01 5.94 9.92
C GLN A 409 26.64 6.21 8.57
N CYS A 410 25.93 5.83 7.52
CA CYS A 410 26.37 6.01 6.13
C CYS A 410 25.25 6.53 5.25
N GLU A 411 25.63 7.18 4.15
CA GLU A 411 24.69 7.56 3.11
C GLU A 411 24.78 6.51 2.00
N VAL A 412 23.65 6.20 1.39
CA VAL A 412 23.64 5.27 0.25
C VAL A 412 23.95 6.01 -1.06
N LEU A 413 25.00 5.56 -1.72
CA LEU A 413 25.41 6.12 -3.01
C LEU A 413 24.90 5.34 -4.22
N LYS A 414 24.79 4.02 -4.07
CA LYS A 414 24.34 3.15 -5.15
C LYS A 414 23.53 1.98 -4.61
N VAL A 415 22.49 1.62 -5.37
CA VAL A 415 21.74 0.40 -5.13
C VAL A 415 21.78 -0.39 -6.43
N VAL A 416 22.32 -1.60 -6.36
CA VAL A 416 22.53 -2.40 -7.57
C VAL A 416 22.06 -3.84 -7.37
N ALA A 417 22.01 -4.59 -8.47
CA ALA A 417 21.65 -6.01 -8.46
C ALA A 417 20.30 -6.27 -7.77
N ASP A 418 19.28 -5.53 -8.20
CA ASP A 418 17.92 -5.65 -7.64
C ASP A 418 17.92 -5.50 -6.13
N GLY A 419 18.66 -4.52 -5.64
CA GLY A 419 18.68 -4.22 -4.21
C GLY A 419 19.39 -5.21 -3.31
N THR A 420 20.32 -5.97 -3.88
CA THR A 420 21.07 -6.96 -3.09
C THR A 420 22.47 -6.46 -2.72
N ARG A 421 22.90 -5.39 -3.37
CA ARG A 421 24.24 -4.86 -3.17
C ARG A 421 24.13 -3.34 -3.11
N PHE A 422 24.89 -2.74 -2.20
CA PHE A 422 24.84 -1.31 -2.01
C PHE A 422 26.25 -0.75 -1.97
N GLU A 423 26.37 0.52 -2.35
CA GLU A 423 27.58 1.26 -2.09
C GLU A 423 27.16 2.36 -1.13
N VAL A 424 27.81 2.37 0.04
CA VAL A 424 27.47 3.30 1.13
C VAL A 424 28.71 4.07 1.55
N ARG A 425 28.51 5.30 1.98
CA ARG A 425 29.63 6.13 2.37
C ARG A 425 29.50 6.70 3.77
N ASP A 426 30.53 6.50 4.57
CA ASP A 426 30.64 7.18 5.87
C ASP A 426 31.17 8.56 5.51
N PRO A 427 30.38 9.63 5.75
CA PRO A 427 30.81 10.94 5.25
C PRO A 427 31.87 11.63 6.11
N GLU A 428 32.25 11.02 7.24
CA GLU A 428 33.29 11.62 8.07
C GLU A 428 34.66 11.43 7.45
N PRO A 429 35.56 12.42 7.63
CA PRO A 429 36.88 12.28 7.01
C PRO A 429 37.63 11.03 7.47
N ASP A 430 38.29 10.39 6.52
CA ASP A 430 38.99 9.12 6.72
C ASP A 430 40.44 9.30 6.27
N GLU A 431 41.36 8.51 6.80
CA GLU A 431 42.74 8.55 6.30
C GLU A 431 42.85 8.31 4.78
N LEU A 432 41.90 7.60 4.20
CA LEU A 432 41.97 7.34 2.76
C LEU A 432 41.10 8.28 1.91
N GLY A 433 40.50 9.26 2.57
CA GLY A 433 39.75 10.29 1.86
C GLY A 433 38.94 11.17 2.77
N ASN A 434 39.14 12.48 2.63
CA ASN A 434 38.46 13.42 3.49
C ASN A 434 36.98 13.54 3.22
N SER A 435 36.54 13.04 2.06
CA SER A 435 35.12 13.00 1.73
C SER A 435 34.42 11.77 2.30
N GLY A 436 35.19 10.87 2.89
CA GLY A 436 34.64 9.72 3.58
C GLY A 436 34.89 8.39 2.89
N LYS A 437 34.80 7.33 3.65
CA LYS A 437 35.10 6.00 3.14
C LYS A 437 33.88 5.33 2.53
N VAL A 438 34.08 4.73 1.36
CA VAL A 438 33.02 4.05 0.63
C VAL A 438 33.15 2.54 0.83
N TYR A 439 32.04 1.91 1.20
CA TYR A 439 31.98 0.48 1.39
C TYR A 439 30.99 -0.16 0.43
N LYS A 440 31.24 -1.40 0.06
CA LYS A 440 30.26 -2.21 -0.65
C LYS A 440 29.67 -3.21 0.33
N CYS A 441 28.34 -3.40 0.31
CA CYS A 441 27.71 -4.28 1.28
C CYS A 441 26.47 -4.99 0.77
N ASN A 442 26.05 -6.00 1.51
CA ASN A 442 24.84 -6.75 1.21
C ASN A 442 23.70 -6.39 2.16
N ARG A 443 22.57 -7.06 2.03
CA ARG A 443 21.35 -6.71 2.77
C ARG A 443 21.43 -6.98 4.26
N LYS A 444 22.30 -7.89 4.67
CA LYS A 444 22.48 -8.23 6.07
C LYS A 444 23.39 -7.23 6.78
N GLU A 445 24.04 -6.35 6.03
CA GLU A 445 25.06 -5.46 6.60
C GLU A 445 24.57 -4.03 6.81
N LEU A 446 23.30 -3.79 6.55
CA LEU A 446 22.77 -2.44 6.74
C LEU A 446 21.37 -2.48 7.31
N LEU A 447 21.02 -1.38 7.98
CA LEU A 447 19.70 -1.11 8.49
C LEU A 447 19.27 0.24 8.00
N LEU A 448 18.00 0.35 7.58
CA LEU A 448 17.48 1.64 7.15
C LEU A 448 17.24 2.57 8.34
N ILE A 449 17.75 3.80 8.26
CA ILE A 449 17.35 4.85 9.20
C ILE A 449 16.14 5.52 8.53
N PRO A 450 14.94 5.32 9.07
CA PRO A 450 13.77 5.86 8.36
C PRO A 450 13.83 7.38 8.29
N PRO A 451 13.56 7.96 7.10
CA PRO A 451 13.76 9.40 6.91
C PRO A 451 12.62 10.26 7.42
N GLY A 452 11.51 9.63 7.73
CA GLY A 452 10.29 10.34 8.11
C GLY A 452 10.01 10.22 9.59
N PHE A 453 8.88 10.80 9.99
CA PHE A 453 8.43 10.74 11.36
C PHE A 453 8.10 9.29 11.71
N PRO A 454 8.60 8.82 12.87
CA PRO A 454 8.36 7.44 13.29
C PRO A 454 6.88 7.16 13.58
N THR A 455 6.48 5.90 13.45
CA THR A 455 5.07 5.52 13.59
C THR A 455 4.78 4.65 14.83
N LYS A 456 5.80 3.97 15.35
CA LYS A 456 5.62 2.99 16.43
C LYS A 456 6.72 3.04 17.50
N ASN A 457 6.33 2.82 18.76
CA ASN A 457 7.26 2.72 19.89
C ASN A 457 7.87 1.32 19.99
N TYR A 458 9.15 1.23 20.36
CA TYR A 458 9.73 -0.06 20.79
C TYR A 458 9.23 -0.34 22.21
N PRO A 459 8.76 -1.58 22.48
CA PRO A 459 8.35 -1.92 23.84
C PRO A 459 9.52 -1.88 24.83
N PRO A 460 9.26 -1.49 26.09
CA PRO A 460 10.33 -1.48 27.09
C PRO A 460 11.02 -2.83 27.17
N GLY A 461 12.34 -2.82 27.26
CA GLY A 461 13.13 -4.06 27.26
C GLY A 461 13.70 -4.50 25.92
N THR A 462 13.26 -3.85 24.83
CA THR A 462 13.74 -4.18 23.48
C THR A 462 15.22 -3.83 23.34
N LYS A 463 16.00 -4.77 22.81
CA LYS A 463 17.38 -4.52 22.46
C LYS A 463 17.37 -3.77 21.13
N VAL A 464 18.14 -2.68 21.09
CA VAL A 464 18.18 -1.81 19.93
C VAL A 464 19.61 -1.39 19.60
N LEU A 465 19.79 -0.82 18.41
CA LEU A 465 21.00 -0.12 18.06
C LEU A 465 20.63 1.35 18.00
N ALA A 466 21.36 2.18 18.74
CA ALA A 466 21.02 3.59 18.79
C ALA A 466 22.23 4.48 18.65
N ARG A 467 22.05 5.61 17.98
CA ARG A 467 23.15 6.53 17.77
C ARG A 467 23.49 7.24 19.08
N TYR A 468 24.75 7.14 19.50
CA TYR A 468 25.16 7.74 20.77
C TYR A 468 25.32 9.23 20.58
N PRO A 469 24.86 10.03 21.57
CA PRO A 469 25.00 11.49 21.43
C PRO A 469 26.42 11.94 21.08
N GLU A 470 26.49 12.91 20.15
CA GLU A 470 27.76 13.48 19.67
CA GLU A 470 27.75 13.47 19.65
C GLU A 470 28.62 12.47 18.90
N THR A 471 27.99 11.44 18.35
CA THR A 471 28.67 10.47 17.50
C THR A 471 27.80 10.20 16.27
N THR A 472 28.40 9.53 15.30
CA THR A 472 27.64 8.99 14.17
C THR A 472 27.75 7.47 14.17
N THR A 473 27.88 6.92 15.36
CA THR A 473 27.98 5.47 15.54
C THR A 473 26.79 4.94 16.34
N PHE A 474 26.24 3.82 15.88
CA PHE A 474 25.14 3.13 16.55
C PHE A 474 25.71 2.05 17.46
N TYR A 475 25.27 2.06 18.72
CA TYR A 475 25.79 1.16 19.73
C TYR A 475 24.62 0.37 20.32
N PRO A 476 24.89 -0.84 20.81
CA PRO A 476 23.82 -1.63 21.40
C PRO A 476 23.29 -0.99 22.68
N ALA A 477 21.98 -1.04 22.84
CA ALA A 477 21.31 -0.44 23.99
C ALA A 477 20.02 -1.18 24.28
N ILE A 478 19.43 -0.84 25.43
CA ILE A 478 18.14 -1.40 25.81
C ILE A 478 17.15 -0.26 26.04
N VAL A 479 15.94 -0.44 25.52
CA VAL A 479 14.88 0.58 25.69
C VAL A 479 14.33 0.46 27.10
N ILE A 480 14.43 1.55 27.85
CA ILE A 480 13.83 1.62 29.18
C ILE A 480 12.36 2.00 29.02
N GLY A 481 12.12 3.01 28.19
CA GLY A 481 10.77 3.47 27.89
C GLY A 481 10.78 4.57 26.84
N THR A 482 9.57 5.04 26.52
CA THR A 482 9.36 6.05 25.48
C THR A 482 8.53 7.19 26.05
N LYS A 483 8.96 8.43 25.81
CA LYS A 483 8.22 9.59 26.29
C LYS A 483 7.02 9.86 25.40
N ARG A 484 6.08 10.68 25.88
CA ARG A 484 4.89 11.02 25.09
C ARG A 484 5.27 11.58 23.73
N ASP A 485 6.24 12.50 23.75
CA ASP A 485 6.74 13.14 22.53
C ASP A 485 7.42 12.17 21.57
N GLY A 486 7.64 10.93 22.05
CA GLY A 486 8.21 9.87 21.23
C GLY A 486 9.66 9.56 21.51
N THR A 487 10.32 10.40 22.30
CA THR A 487 11.74 10.26 22.66
C THR A 487 12.01 8.95 23.39
N CYS A 488 13.10 8.27 23.02
CA CYS A 488 13.49 7.02 23.67
C CYS A 488 14.41 7.27 24.87
N ARG A 489 14.11 6.58 25.97
CA ARG A 489 14.97 6.55 27.14
C ARG A 489 15.72 5.21 27.07
N LEU A 490 17.04 5.29 26.97
CA LEU A 490 17.86 4.09 26.75
C LEU A 490 18.93 3.88 27.80
N ARG A 491 19.28 2.61 28.00
CA ARG A 491 20.52 2.29 28.67
C ARG A 491 21.48 1.69 27.65
N PHE A 492 22.56 2.40 27.35
CA PHE A 492 23.58 1.87 26.44
C PHE A 492 24.39 0.80 27.14
N ASP A 493 24.60 -0.32 26.45
CA ASP A 493 25.50 -1.38 26.91
C ASP A 493 26.92 -0.87 27.09
N GLY A 494 27.60 -1.39 28.11
CA GLY A 494 29.04 -1.17 28.30
C GLY A 494 29.47 0.28 28.39
N GLU A 495 28.71 1.10 29.10
CA GLU A 495 29.05 2.51 29.24
C GLU A 495 30.27 2.74 30.12
N LYS A 500 23.52 7.99 34.44
CA LYS A 500 22.21 8.48 34.00
C LYS A 500 21.78 7.79 32.70
N GLU A 501 20.49 7.50 32.59
CA GLU A 501 19.89 7.01 31.33
C GLU A 501 20.10 8.03 30.22
N THR A 502 20.10 7.56 28.97
CA THR A 502 20.34 8.42 27.83
C THR A 502 19.08 8.61 27.01
N GLU A 503 18.74 9.86 26.72
CA GLU A 503 17.62 10.13 25.83
C GLU A 503 18.11 10.25 24.38
N VAL A 504 17.48 9.49 23.50
CA VAL A 504 17.81 9.50 22.08
C VAL A 504 16.52 9.63 21.29
N THR A 505 16.54 10.52 20.30
CA THR A 505 15.39 10.69 19.41
CA THR A 505 15.37 10.68 19.47
C THR A 505 15.02 9.37 18.74
N ARG A 506 13.73 9.11 18.66
CA ARG A 506 13.21 7.86 18.12
C ARG A 506 13.75 7.50 16.72
N ARG A 507 13.92 8.53 15.88
CA ARG A 507 14.49 8.38 14.54
CA ARG A 507 14.47 8.32 14.54
C ARG A 507 15.84 7.64 14.54
N LEU A 508 16.60 7.81 15.62
CA LEU A 508 17.96 7.29 15.72
C LEU A 508 18.07 5.97 16.48
N VAL A 509 16.92 5.33 16.70
CA VAL A 509 16.85 4.05 17.40
C VAL A 509 16.35 2.97 16.43
N LEU A 510 17.22 1.97 16.18
CA LEU A 510 16.99 0.94 15.18
C LEU A 510 16.88 -0.44 15.83
N PRO A 511 16.37 -1.44 15.07
CA PRO A 511 16.42 -2.84 15.52
C PRO A 511 17.85 -3.34 15.74
N SER A 512 17.98 -4.36 16.59
CA SER A 512 19.28 -4.98 16.82
C SER A 512 19.34 -6.34 16.11
N PRO A 513 20.13 -6.42 15.03
CA PRO A 513 20.30 -7.68 14.30
C PRO A 513 20.83 -8.82 15.17
N THR A 514 21.66 -8.50 16.17
CA THR A 514 22.18 -9.50 17.11
C THR A 514 21.04 -10.14 17.88
N ALA A 515 20.10 -9.32 18.33
CA ALA A 515 18.93 -9.77 19.06
C ALA A 515 17.96 -10.51 18.14
N LEU A 516 17.78 -9.98 16.93
CA LEU A 516 16.89 -10.59 15.94
C LEU A 516 17.40 -11.96 15.51
N ALA A 517 18.72 -12.09 15.36
CA ALA A 517 19.35 -13.35 14.94
C ALA A 517 19.34 -14.37 16.08
N ALA B 1 33.72 7.32 11.07
CA ALA B 1 32.54 7.87 11.81
C ALA B 1 32.99 8.62 13.05
N ARG B 2 32.12 9.45 13.60
CA ARG B 2 32.37 10.04 14.92
C ARG B 2 32.04 8.99 15.97
N THR B 3 32.90 8.86 16.98
CA THR B 3 32.76 7.81 18.01
C THR B 3 32.66 8.37 19.44
N MLY B 4 32.19 7.40 20.44
CA MLY B 4 32.12 7.83 21.85
CB MLY B 4 30.86 7.24 22.49
CG MLY B 4 31.21 6.04 23.38
CD MLY B 4 30.00 5.10 23.55
CE MLY B 4 29.98 4.48 24.94
NZ MLY B 4 29.36 3.15 24.87
CH1 MLY B 4 30.11 2.30 23.94
CH2 MLY B 4 27.98 3.28 24.41
C MLY B 4 33.35 7.32 22.60
O MLY B 4 34.43 7.17 22.02
C1 GLC C . -7.67 -1.16 -1.20
C2 GLC C . -7.59 -1.36 -2.72
C3 GLC C . -6.13 -1.39 -3.17
C4 GLC C . -5.39 -0.15 -2.65
C5 GLC C . -5.58 -0.02 -1.14
C6 GLC C . -4.99 1.28 -0.62
O1 GLC C . -7.14 -2.29 -0.52
O2 GLC C . -8.22 -2.58 -3.00
O3 GLC C . -6.06 -1.47 -4.59
O4 GLC C . -4.02 -0.32 -2.94
O5 GLC C . -6.97 0.00 -0.82
O6 GLC C . -4.74 1.24 0.78
C1 GLC C . -3.50 0.43 -4.03
C2 GLC C . -2.52 -0.46 -4.80
C3 GLC C . -1.35 -0.83 -3.88
C4 GLC C . -0.66 0.44 -3.39
C5 GLC C . -1.69 1.38 -2.73
C6 GLC C . -1.06 2.74 -2.42
O2 GLC C . -3.20 -1.60 -5.26
O3 GLC C . -0.44 -1.64 -4.61
O4 GLC C . 0.36 0.11 -2.46
O5 GLC C . -2.82 1.58 -3.57
O6 GLC C . -1.91 3.49 -1.54
#